data_9QAC
#
_entry.id   9QAC
#
_cell.length_a   65.929
_cell.length_b   65.929
_cell.length_c   88.819
_cell.angle_alpha   90.00
_cell.angle_beta   90.00
_cell.angle_gamma   120.00
#
_symmetry.space_group_name_H-M   'P 31'
#
loop_
_entity.id
_entity.type
_entity.pdbx_description
1 polymer 'Probable global transcription activator SNF2L2'
2 non-polymer 'methyl 2-azanyl-1~{H}-indole-3-carboxylate'
3 non-polymer 'ZINC ION'
4 water water
#
_entity_poly.entity_id   1
_entity_poly.type   'polypeptide(L)'
_entity_poly.pdbx_seq_one_letter_code
;SMAEKLSPNPPKLTKQMNAIIDTVINYKDSSGRQLSEVFIQLPSRKELPEYYELIRKPVDFKKIKERIRNHKYRSLGDLE
KDVMLLCHNAQTFNLEGSQIYEDSIVLQSVFKSARQKIAKEEE
;
_entity_poly.pdbx_strand_id   A,B,C
#
loop_
_chem_comp.id
_chem_comp.type
_chem_comp.name
_chem_comp.formula
A1I5P non-polymer 'methyl 2-azanyl-1~{H}-indole-3-carboxylate' 'C10 H10 N2 O2'
ZN non-polymer 'ZINC ION' 'Zn 2'
#
# COMPACT_ATOMS: atom_id res chain seq x y z
N LEU A 6 -4.30 31.87 26.09
CA LEU A 6 -5.01 32.00 27.36
C LEU A 6 -4.57 31.00 28.44
N SER A 7 -3.97 29.84 28.06
CA SER A 7 -3.48 28.84 29.04
C SER A 7 -2.38 27.92 28.46
N PRO A 8 -1.48 27.33 29.29
CA PRO A 8 -0.44 26.43 28.71
C PRO A 8 -1.03 25.16 28.11
N ASN A 9 -0.26 24.49 27.22
CA ASN A 9 -0.71 23.25 26.61
C ASN A 9 -0.73 22.14 27.64
N PRO A 10 -1.87 21.45 27.85
CA PRO A 10 -1.86 20.32 28.81
C PRO A 10 -0.88 19.24 28.36
N PRO A 11 -0.08 18.65 29.30
CA PRO A 11 0.89 17.60 28.88
C PRO A 11 0.29 16.49 28.03
N LYS A 12 -1.02 16.16 28.26
CA LYS A 12 -1.79 15.17 27.51
C LYS A 12 -1.83 15.52 26.00
N LEU A 13 -2.06 16.82 25.67
CA LEU A 13 -2.12 17.33 24.29
C LEU A 13 -0.76 17.21 23.56
N THR A 14 0.31 17.62 24.23
CA THR A 14 1.68 17.58 23.73
C THR A 14 2.10 16.13 23.43
N LYS A 15 1.78 15.21 24.34
CA LYS A 15 2.08 13.78 24.18
C LYS A 15 1.38 13.24 22.92
N GLN A 16 0.09 13.65 22.69
CA GLN A 16 -0.74 13.28 21.54
C GLN A 16 -0.11 13.78 20.24
N MET A 17 0.24 15.09 20.20
CA MET A 17 0.88 15.72 19.04
C MET A 17 2.14 14.99 18.63
N ASN A 18 2.96 14.62 19.62
CA ASN A 18 4.19 13.87 19.39
C ASN A 18 3.90 12.43 18.96
N ALA A 19 2.86 11.80 19.54
CA ALA A 19 2.46 10.44 19.20
C ALA A 19 1.95 10.37 17.75
N ILE A 20 1.19 11.41 17.33
CA ILE A 20 0.62 11.51 15.98
C ILE A 20 1.73 11.69 14.95
N ILE A 21 2.63 12.64 15.19
CA ILE A 21 3.73 12.98 14.30
C ILE A 21 4.76 11.83 14.19
N ASP A 22 4.95 11.07 15.28
CA ASP A 22 5.86 9.92 15.28
C ASP A 22 5.34 8.78 14.40
N THR A 23 3.99 8.58 14.37
CA THR A 23 3.29 7.59 13.56
C THR A 23 3.56 7.88 12.09
N VAL A 24 3.43 9.17 11.71
CA VAL A 24 3.64 9.71 10.38
C VAL A 24 5.11 9.51 9.96
N ILE A 25 6.05 9.95 10.80
CA ILE A 25 7.49 9.86 10.54
C ILE A 25 7.98 8.41 10.47
N ASN A 26 7.47 7.53 11.33
CA ASN A 26 7.93 6.14 11.35
C ASN A 26 7.25 5.23 10.32
N TYR A 27 6.19 5.73 9.65
CA TYR A 27 5.44 4.96 8.64
C TYR A 27 6.32 4.48 7.47
N LYS A 28 6.32 3.17 7.28
CA LYS A 28 7.01 2.46 6.22
C LYS A 28 5.94 1.80 5.37
N ASP A 29 6.01 2.02 4.03
CA ASP A 29 5.06 1.51 3.04
C ASP A 29 5.16 -0.03 2.85
N SER A 30 4.44 -0.58 1.84
CA SER A 30 4.40 -2.02 1.53
C SER A 30 5.78 -2.61 1.22
N SER A 31 6.59 -1.87 0.43
CA SER A 31 7.96 -2.24 0.06
C SER A 31 8.95 -2.08 1.24
N GLY A 32 8.47 -1.46 2.34
CA GLY A 32 9.22 -1.23 3.56
C GLY A 32 10.05 0.05 3.52
N ARG A 33 9.59 1.03 2.71
CA ARG A 33 10.23 2.33 2.54
C ARG A 33 9.62 3.39 3.47
N GLN A 34 10.49 4.13 4.19
CA GLN A 34 10.09 5.20 5.10
C GLN A 34 9.84 6.48 4.29
N LEU A 35 8.55 6.71 3.99
CA LEU A 35 8.00 7.79 3.17
C LEU A 35 8.33 9.21 3.63
N SER A 36 8.45 9.45 4.94
CA SER A 36 8.72 10.78 5.53
C SER A 36 10.14 11.29 5.30
N GLU A 37 11.11 10.41 5.01
CA GLU A 37 12.55 10.65 4.79
C GLU A 37 12.87 12.02 4.11
N VAL A 38 12.26 12.34 2.95
CA VAL A 38 12.46 13.58 2.15
C VAL A 38 11.94 14.83 2.86
N PHE A 39 10.81 14.70 3.58
CA PHE A 39 10.08 15.76 4.25
C PHE A 39 10.60 16.17 5.63
N ILE A 40 11.53 15.40 6.22
CA ILE A 40 12.11 15.73 7.54
C ILE A 40 12.82 17.09 7.48
N GLN A 41 13.56 17.33 6.38
CA GLN A 41 14.27 18.58 6.13
C GLN A 41 13.95 19.16 4.75
N LEU A 42 13.79 20.49 4.69
CA LEU A 42 13.53 21.28 3.48
C LEU A 42 14.72 21.20 2.52
N PRO A 43 14.52 21.43 1.19
CA PRO A 43 15.67 21.38 0.26
C PRO A 43 16.61 22.56 0.45
N SER A 44 17.84 22.48 -0.09
CA SER A 44 18.79 23.58 0.06
C SER A 44 18.38 24.77 -0.82
N ARG A 45 18.45 26.00 -0.25
CA ARG A 45 18.18 27.27 -0.95
C ARG A 45 19.17 27.42 -2.14
N LYS A 46 20.42 26.90 -1.98
CA LYS A 46 21.51 26.92 -2.96
C LYS A 46 21.27 26.02 -4.19
N GLU A 47 20.77 24.78 -3.97
CA GLU A 47 20.56 23.79 -5.04
C GLU A 47 19.16 23.86 -5.69
N LEU A 48 18.13 24.18 -4.89
CA LEU A 48 16.77 24.29 -5.36
C LEU A 48 16.17 25.70 -5.04
N PRO A 49 16.71 26.81 -5.61
CA PRO A 49 16.14 28.13 -5.31
C PRO A 49 14.70 28.34 -5.78
N GLU A 50 14.30 27.64 -6.87
CA GLU A 50 12.95 27.69 -7.47
C GLU A 50 11.92 27.37 -6.40
N TYR A 51 12.22 26.41 -5.51
CA TYR A 51 11.35 25.98 -4.43
C TYR A 51 10.94 27.16 -3.55
N TYR A 52 11.95 27.97 -3.16
CA TYR A 52 11.78 29.14 -2.30
C TYR A 52 11.11 30.29 -3.03
N GLU A 53 11.13 30.25 -4.38
CA GLU A 53 10.45 31.24 -5.22
C GLU A 53 8.96 30.89 -5.37
N LEU A 54 8.65 29.58 -5.47
CA LEU A 54 7.32 28.99 -5.66
C LEU A 54 6.49 28.84 -4.37
N ILE A 55 7.13 28.34 -3.28
CA ILE A 55 6.48 28.00 -2.00
C ILE A 55 6.42 29.22 -1.07
N ARG A 56 5.17 29.68 -0.75
CA ARG A 56 4.86 30.81 0.13
C ARG A 56 5.33 30.56 1.57
N LYS A 57 4.87 29.45 2.18
CA LYS A 57 5.22 29.10 3.55
C LYS A 57 5.93 27.75 3.62
N PRO A 58 7.29 27.71 3.45
CA PRO A 58 8.02 26.43 3.60
C PRO A 58 7.98 25.89 5.04
N VAL A 59 7.69 24.57 5.21
CA VAL A 59 7.59 23.83 6.48
C VAL A 59 8.05 22.37 6.24
N ASP A 60 8.91 21.85 7.12
CA ASP A 60 9.37 20.46 7.09
C ASP A 60 8.96 19.76 8.43
N PHE A 61 9.22 18.44 8.58
CA PHE A 61 8.87 17.72 9.81
C PHE A 61 9.73 18.14 11.02
N LYS A 62 10.92 18.68 10.76
CA LYS A 62 11.83 19.21 11.77
C LYS A 62 11.18 20.44 12.46
N LYS A 63 10.63 21.36 11.66
CA LYS A 63 9.97 22.60 12.10
C LYS A 63 8.68 22.30 12.85
N ILE A 64 7.93 21.28 12.41
CA ILE A 64 6.69 20.83 13.05
C ILE A 64 7.00 20.35 14.48
N LYS A 65 8.05 19.51 14.65
CA LYS A 65 8.53 19.00 15.94
C LYS A 65 8.93 20.14 16.88
N GLU A 66 9.61 21.17 16.33
CA GLU A 66 10.03 22.38 17.03
C GLU A 66 8.80 23.21 17.48
N ARG A 67 7.74 23.26 16.66
CA ARG A 67 6.51 24.01 16.96
C ARG A 67 5.67 23.27 18.02
N ILE A 68 5.75 21.93 18.08
CA ILE A 68 5.07 21.13 19.12
C ILE A 68 5.85 21.44 20.44
N ARG A 69 7.20 21.39 20.37
CA ARG A 69 8.12 21.64 21.48
C ARG A 69 7.98 23.06 22.06
N ASN A 70 7.75 24.07 21.22
CA ASN A 70 7.63 25.48 21.61
C ASN A 70 6.19 25.90 21.80
N HIS A 71 5.29 24.91 21.89
CA HIS A 71 3.86 25.02 22.19
C HIS A 71 3.13 26.02 21.28
N LYS A 72 3.47 25.98 19.99
CA LYS A 72 2.94 26.85 18.91
C LYS A 72 1.56 26.39 18.42
N TYR A 73 1.27 25.08 18.55
CA TYR A 73 -0.02 24.50 18.19
C TYR A 73 -0.86 24.42 19.44
N ARG A 74 -2.04 25.03 19.44
CA ARG A 74 -2.93 25.07 20.61
C ARG A 74 -3.96 23.92 20.64
N SER A 75 -4.14 23.26 19.50
CA SER A 75 -5.09 22.17 19.26
C SER A 75 -4.51 21.23 18.23
N LEU A 76 -5.12 20.03 18.10
CA LEU A 76 -4.76 19.04 17.09
C LEU A 76 -5.05 19.54 15.68
N GLY A 77 -6.06 20.42 15.57
CA GLY A 77 -6.44 21.06 14.31
C GLY A 77 -5.36 21.97 13.77
N ASP A 78 -4.63 22.63 14.68
CA ASP A 78 -3.49 23.54 14.40
C ASP A 78 -2.30 22.78 13.84
N LEU A 79 -2.01 21.60 14.41
CA LEU A 79 -0.95 20.70 13.99
C LEU A 79 -1.30 20.18 12.60
N GLU A 80 -2.60 19.77 12.40
CA GLU A 80 -3.16 19.30 11.13
C GLU A 80 -2.97 20.31 10.00
N LYS A 81 -3.29 21.59 10.24
CA LYS A 81 -3.12 22.68 9.27
C LYS A 81 -1.67 22.73 8.75
N ASP A 82 -0.67 22.52 9.62
CA ASP A 82 0.74 22.54 9.25
C ASP A 82 1.17 21.28 8.52
N VAL A 83 0.61 20.12 8.90
CA VAL A 83 0.92 18.86 8.21
C VAL A 83 0.31 18.93 6.80
N MET A 84 -0.93 19.46 6.69
CA MET A 84 -1.61 19.66 5.41
C MET A 84 -0.89 20.65 4.54
N LEU A 85 -0.25 21.68 5.15
CA LEU A 85 0.57 22.67 4.46
C LEU A 85 1.83 22.00 3.86
N LEU A 86 2.56 21.22 4.67
CA LEU A 86 3.73 20.46 4.24
C LEU A 86 3.42 19.65 2.95
N CYS A 87 2.32 18.88 2.97
CA CYS A 87 1.88 18.02 1.85
C CYS A 87 1.44 18.80 0.63
N HIS A 88 0.73 19.92 0.84
CA HIS A 88 0.27 20.84 -0.21
C HIS A 88 1.49 21.37 -0.94
N ASN A 89 2.52 21.77 -0.20
CA ASN A 89 3.78 22.31 -0.68
C ASN A 89 4.50 21.33 -1.56
N ALA A 90 4.59 20.05 -1.12
CA ALA A 90 5.21 18.93 -1.87
C ALA A 90 4.48 18.75 -3.20
N GLN A 91 3.14 18.74 -3.14
CA GLN A 91 2.23 18.61 -4.27
C GLN A 91 2.22 19.85 -5.19
N THR A 92 2.51 21.03 -4.66
CA THR A 92 2.58 22.28 -5.45
C THR A 92 3.85 22.28 -6.32
N PHE A 93 5.01 21.96 -5.71
CA PHE A 93 6.31 21.98 -6.38
C PHE A 93 6.57 20.77 -7.30
N ASN A 94 6.20 19.56 -6.85
CA ASN A 94 6.48 18.34 -7.57
C ASN A 94 5.40 17.91 -8.54
N LEU A 95 5.81 17.20 -9.61
CA LEU A 95 4.94 16.68 -10.64
C LEU A 95 4.01 15.60 -10.13
N GLU A 96 2.74 15.63 -10.54
CA GLU A 96 1.77 14.59 -10.16
C GLU A 96 2.27 13.27 -10.71
N GLY A 97 2.27 12.25 -9.87
CA GLY A 97 2.77 10.94 -10.26
C GLY A 97 4.21 10.67 -9.82
N SER A 98 4.96 11.73 -9.44
CA SER A 98 6.35 11.60 -8.96
C SER A 98 6.37 10.98 -7.55
N GLN A 99 7.50 10.40 -7.16
CA GLN A 99 7.66 9.77 -5.85
C GLN A 99 7.32 10.72 -4.69
N ILE A 100 7.87 11.96 -4.69
CA ILE A 100 7.62 12.96 -3.63
C ILE A 100 6.11 13.29 -3.53
N TYR A 101 5.49 13.58 -4.68
CA TYR A 101 4.07 13.91 -4.79
C TYR A 101 3.17 12.77 -4.23
N GLU A 102 3.42 11.53 -4.69
CA GLU A 102 2.63 10.38 -4.26
C GLU A 102 2.81 10.08 -2.76
N ASP A 103 4.04 10.28 -2.22
CA ASP A 103 4.37 10.08 -0.80
C ASP A 103 3.62 11.04 0.14
N SER A 104 3.51 12.33 -0.25
CA SER A 104 2.79 13.35 0.51
C SER A 104 1.28 13.04 0.64
N ILE A 105 0.69 12.44 -0.40
CA ILE A 105 -0.72 12.01 -0.39
C ILE A 105 -0.92 10.88 0.63
N VAL A 106 0.06 9.93 0.69
CA VAL A 106 0.00 8.81 1.64
C VAL A 106 0.15 9.32 3.06
N LEU A 107 1.09 10.27 3.29
CA LEU A 107 1.36 10.83 4.61
C LEU A 107 0.19 11.64 5.16
N GLN A 108 -0.64 12.24 4.27
CA GLN A 108 -1.86 12.97 4.63
C GLN A 108 -2.85 11.99 5.24
N SER A 109 -2.98 10.84 4.59
CA SER A 109 -3.84 9.73 5.00
C SER A 109 -3.38 9.10 6.34
N VAL A 110 -2.05 8.93 6.53
CA VAL A 110 -1.42 8.38 7.74
C VAL A 110 -1.68 9.30 8.94
N PHE A 111 -1.56 10.62 8.74
CA PHE A 111 -1.82 11.63 9.77
C PHE A 111 -3.27 11.55 10.25
N LYS A 112 -4.22 11.57 9.31
CA LYS A 112 -5.66 11.54 9.57
C LYS A 112 -6.05 10.26 10.34
N SER A 113 -5.44 9.12 9.95
CA SER A 113 -5.64 7.83 10.60
C SER A 113 -5.06 7.85 12.03
N ALA A 114 -3.90 8.50 12.22
CA ALA A 114 -3.25 8.64 13.54
C ALA A 114 -4.06 9.54 14.48
N ARG A 115 -4.57 10.68 13.95
CA ARG A 115 -5.38 11.64 14.69
C ARG A 115 -6.72 11.06 15.09
N GLN A 116 -7.44 10.44 14.10
CA GLN A 116 -8.77 9.85 14.27
C GLN A 116 -8.80 8.73 15.32
N LYS A 117 -7.67 8.01 15.47
CA LYS A 117 -7.48 6.96 16.47
C LYS A 117 -7.47 7.62 17.87
N ILE A 118 -6.68 8.70 18.04
CA ILE A 118 -6.57 9.46 19.29
C ILE A 118 -7.66 10.55 19.37
N PRO B 10 27.31 1.19 -4.51
CA PRO B 10 26.79 2.53 -4.76
C PRO B 10 25.32 2.61 -4.32
N PRO B 11 25.02 3.17 -3.13
CA PRO B 11 23.64 3.31 -2.67
C PRO B 11 22.74 3.86 -3.78
N LYS B 12 23.26 4.78 -4.59
CA LYS B 12 22.48 5.33 -5.72
C LYS B 12 21.91 4.17 -6.54
N LEU B 13 22.78 3.29 -7.02
CA LEU B 13 22.33 2.14 -7.85
C LEU B 13 21.18 1.43 -7.14
N THR B 14 21.38 1.05 -5.88
CA THR B 14 20.35 0.28 -5.16
C THR B 14 19.03 1.06 -5.19
N LYS B 15 19.12 2.39 -5.11
CA LYS B 15 17.90 3.21 -5.12
C LYS B 15 17.23 3.12 -6.51
N GLN B 16 18.05 3.09 -7.58
CA GLN B 16 17.64 2.98 -8.98
C GLN B 16 17.04 1.60 -9.26
N MET B 17 17.77 0.52 -8.88
CA MET B 17 17.33 -0.87 -9.06
C MET B 17 15.97 -1.09 -8.41
N ASN B 18 15.78 -0.56 -7.18
CA ASN B 18 14.51 -0.64 -6.48
C ASN B 18 13.43 0.20 -7.14
N ALA B 19 13.79 1.40 -7.64
CA ALA B 19 12.85 2.29 -8.33
C ALA B 19 12.37 1.66 -9.63
N ILE B 20 13.27 0.98 -10.37
CA ILE B 20 12.97 0.29 -11.64
C ILE B 20 12.02 -0.89 -11.40
N ILE B 21 12.36 -1.76 -10.44
CA ILE B 21 11.60 -2.95 -10.11
C ILE B 21 10.22 -2.59 -9.51
N ASP B 22 10.13 -1.48 -8.77
CA ASP B 22 8.85 -1.03 -8.20
C ASP B 22 7.88 -0.55 -9.27
N THR B 23 8.41 0.06 -10.36
CA THR B 23 7.66 0.54 -11.52
C THR B 23 7.00 -0.67 -12.19
N VAL B 24 7.79 -1.74 -12.39
CA VAL B 24 7.40 -3.03 -12.98
C VAL B 24 6.31 -3.70 -12.12
N ILE B 25 6.56 -3.84 -10.82
CA ILE B 25 5.64 -4.47 -9.88
C ILE B 25 4.33 -3.67 -9.72
N ASN B 26 4.40 -2.35 -9.67
CA ASN B 26 3.20 -1.54 -9.46
C ASN B 26 2.42 -1.24 -10.73
N TYR B 27 2.96 -1.61 -11.91
CA TYR B 27 2.32 -1.39 -13.22
C TYR B 27 0.94 -2.03 -13.32
N LYS B 28 -0.04 -1.17 -13.61
CA LYS B 28 -1.44 -1.54 -13.82
C LYS B 28 -1.76 -1.21 -15.28
N ASP B 29 -2.33 -2.17 -16.01
CA ASP B 29 -2.68 -2.00 -17.43
C ASP B 29 -3.89 -1.07 -17.62
N SER B 30 -4.44 -1.09 -18.84
CA SER B 30 -5.59 -0.29 -19.27
C SER B 30 -6.84 -0.53 -18.42
N SER B 31 -7.12 -1.80 -18.09
CA SER B 31 -8.26 -2.22 -17.26
C SER B 31 -7.99 -1.95 -15.76
N GLY B 32 -6.74 -1.59 -15.44
CA GLY B 32 -6.29 -1.29 -14.09
C GLY B 32 -5.66 -2.45 -13.36
N ARG B 33 -5.50 -3.61 -14.04
CA ARG B 33 -4.95 -4.85 -13.50
C ARG B 33 -3.43 -4.81 -13.32
N GLN B 34 -2.95 -5.26 -12.14
CA GLN B 34 -1.52 -5.34 -11.78
C GLN B 34 -0.95 -6.68 -12.30
N LEU B 35 -0.28 -6.59 -13.45
CA LEU B 35 0.27 -7.71 -14.22
C LEU B 35 1.34 -8.55 -13.52
N SER B 36 2.12 -7.95 -12.61
CA SER B 36 3.20 -8.63 -11.87
C SER B 36 2.75 -9.67 -10.84
N GLU B 37 1.47 -9.58 -10.41
CA GLU B 37 0.82 -10.39 -9.38
C GLU B 37 1.26 -11.89 -9.33
N VAL B 38 1.17 -12.61 -10.46
CA VAL B 38 1.50 -14.05 -10.59
C VAL B 38 3.00 -14.34 -10.41
N PHE B 39 3.83 -13.39 -10.88
CA PHE B 39 5.30 -13.46 -10.95
C PHE B 39 6.05 -13.10 -9.70
N ILE B 40 5.38 -12.53 -8.70
CA ILE B 40 5.99 -12.17 -7.40
C ILE B 40 6.57 -13.42 -6.71
N GLN B 41 5.83 -14.54 -6.77
CA GLN B 41 6.26 -15.82 -6.22
C GLN B 41 6.11 -16.95 -7.23
N LEU B 42 7.11 -17.85 -7.27
CA LEU B 42 7.16 -19.02 -8.15
C LEU B 42 6.06 -20.01 -7.75
N PRO B 43 5.58 -20.91 -8.66
CA PRO B 43 4.55 -21.89 -8.24
C PRO B 43 5.12 -22.95 -7.29
N SER B 44 4.26 -23.68 -6.57
CA SER B 44 4.78 -24.70 -5.66
C SER B 44 5.31 -25.92 -6.43
N ARG B 45 6.47 -26.45 -5.99
CA ARG B 45 7.14 -27.64 -6.52
C ARG B 45 6.23 -28.84 -6.41
N LYS B 46 5.39 -28.85 -5.36
CA LYS B 46 4.47 -29.92 -5.09
C LYS B 46 3.22 -29.84 -5.96
N GLU B 47 2.70 -28.64 -6.13
CA GLU B 47 1.48 -28.40 -6.91
C GLU B 47 1.74 -28.37 -8.43
N LEU B 48 2.86 -27.73 -8.88
CA LEU B 48 3.24 -27.64 -10.30
C LEU B 48 4.66 -28.23 -10.58
N PRO B 49 4.86 -29.57 -10.44
CA PRO B 49 6.22 -30.13 -10.67
C PRO B 49 6.75 -30.03 -12.10
N GLU B 50 5.86 -29.99 -13.10
CA GLU B 50 6.17 -29.85 -14.52
C GLU B 50 7.03 -28.60 -14.76
N TYR B 51 6.69 -27.50 -14.08
CA TYR B 51 7.39 -26.22 -14.12
C TYR B 51 8.86 -26.38 -13.76
N TYR B 52 9.17 -27.19 -12.75
CA TYR B 52 10.54 -27.41 -12.30
C TYR B 52 11.28 -28.41 -13.20
N GLU B 53 10.52 -29.16 -14.00
CA GLU B 53 11.05 -30.12 -14.97
C GLU B 53 11.46 -29.38 -16.25
N LEU B 54 10.65 -28.38 -16.65
CA LEU B 54 10.79 -27.56 -17.85
C LEU B 54 11.77 -26.39 -17.70
N ILE B 55 11.70 -25.69 -16.56
CA ILE B 55 12.51 -24.51 -16.26
C ILE B 55 13.84 -24.89 -15.54
N ARG B 56 14.99 -24.54 -16.19
CA ARG B 56 16.36 -24.77 -15.71
C ARG B 56 16.77 -23.78 -14.59
N LYS B 57 16.53 -22.47 -14.79
CA LYS B 57 16.87 -21.44 -13.81
C LYS B 57 15.63 -20.66 -13.31
N PRO B 58 14.84 -21.20 -12.34
CA PRO B 58 13.66 -20.47 -11.86
C PRO B 58 14.01 -19.20 -11.08
N VAL B 59 13.21 -18.14 -11.30
CA VAL B 59 13.36 -16.83 -10.66
C VAL B 59 12.00 -16.14 -10.58
N ASP B 60 11.71 -15.48 -9.45
CA ASP B 60 10.48 -14.71 -9.25
C ASP B 60 10.87 -13.28 -8.84
N PHE B 61 9.88 -12.35 -8.73
CA PHE B 61 10.16 -10.97 -8.35
C PHE B 61 10.63 -10.84 -6.90
N LYS B 62 10.28 -11.82 -6.05
CA LYS B 62 10.72 -11.91 -4.65
C LYS B 62 12.23 -12.10 -4.60
N LYS B 63 12.77 -13.04 -5.42
CA LYS B 63 14.20 -13.37 -5.51
C LYS B 63 15.02 -12.22 -6.08
N ILE B 64 14.44 -11.48 -7.05
CA ILE B 64 15.06 -10.32 -7.68
C ILE B 64 15.25 -9.22 -6.63
N LYS B 65 14.21 -8.92 -5.83
CA LYS B 65 14.22 -7.97 -4.74
C LYS B 65 15.27 -8.33 -3.69
N GLU B 66 15.40 -9.64 -3.36
CA GLU B 66 16.39 -10.19 -2.45
C GLU B 66 17.83 -10.01 -2.99
N ARG B 67 18.02 -10.17 -4.32
CA ARG B 67 19.32 -10.01 -4.97
C ARG B 67 19.71 -8.53 -5.05
N ILE B 68 18.73 -7.60 -5.15
CA ILE B 68 19.01 -6.15 -5.12
C ILE B 68 19.43 -5.81 -3.69
N ARG B 69 18.66 -6.35 -2.69
CA ARG B 69 18.86 -6.16 -1.25
C ARG B 69 20.22 -6.66 -0.76
N ASN B 70 20.68 -7.81 -1.30
CA ASN B 70 21.95 -8.44 -0.91
C ASN B 70 23.09 -8.05 -1.83
N HIS B 71 22.88 -6.99 -2.63
CA HIS B 71 23.83 -6.35 -3.53
C HIS B 71 24.51 -7.36 -4.50
N LYS B 72 23.70 -8.27 -5.06
CA LYS B 72 24.09 -9.33 -6.00
C LYS B 72 24.25 -8.85 -7.43
N TYR B 73 23.53 -7.79 -7.79
CA TYR B 73 23.61 -7.19 -9.13
C TYR B 73 24.61 -6.07 -9.08
N ARG B 74 25.63 -6.16 -9.94
CA ARG B 74 26.71 -5.19 -10.02
C ARG B 74 26.36 -4.02 -10.92
N SER B 75 25.67 -4.30 -12.04
CA SER B 75 25.19 -3.30 -13.00
C SER B 75 23.68 -3.42 -13.21
N LEU B 76 23.06 -2.45 -13.90
CA LEU B 76 21.64 -2.50 -14.24
C LEU B 76 21.40 -3.54 -15.34
N GLY B 77 22.49 -3.88 -16.05
CA GLY B 77 22.49 -4.91 -17.09
C GLY B 77 22.30 -6.27 -16.47
N ASP B 78 22.82 -6.44 -15.25
CA ASP B 78 22.72 -7.66 -14.45
C ASP B 78 21.32 -7.88 -13.90
N LEU B 79 20.67 -6.78 -13.48
CA LEU B 79 19.29 -6.80 -13.03
C LEU B 79 18.40 -7.16 -14.23
N GLU B 80 18.67 -6.52 -15.40
CA GLU B 80 17.96 -6.74 -16.68
C GLU B 80 18.00 -8.22 -17.12
N LYS B 81 19.19 -8.86 -17.07
CA LYS B 81 19.37 -10.27 -17.41
C LYS B 81 18.41 -11.17 -16.62
N ASP B 82 18.23 -10.87 -15.30
CA ASP B 82 17.35 -11.64 -14.43
C ASP B 82 15.87 -11.35 -14.69
N VAL B 83 15.53 -10.09 -15.00
CA VAL B 83 14.14 -9.74 -15.34
C VAL B 83 13.77 -10.42 -16.66
N MET B 84 14.70 -10.38 -17.64
CA MET B 84 14.51 -11.03 -18.95
C MET B 84 14.40 -12.54 -18.80
N LEU B 85 15.13 -13.13 -17.82
CA LEU B 85 15.08 -14.55 -17.52
C LEU B 85 13.67 -14.93 -16.97
N LEU B 86 13.17 -14.16 -15.99
CA LEU B 86 11.84 -14.35 -15.41
C LEU B 86 10.77 -14.44 -16.52
N CYS B 87 10.78 -13.46 -17.48
CA CYS B 87 9.83 -13.37 -18.58
C CYS B 87 9.96 -14.50 -19.58
N HIS B 88 11.21 -14.90 -19.88
CA HIS B 88 11.54 -16.01 -20.77
C HIS B 88 10.92 -17.30 -20.21
N ASN B 89 11.09 -17.54 -18.90
CA ASN B 89 10.56 -18.68 -18.15
C ASN B 89 9.02 -18.75 -18.22
N ALA B 90 8.34 -17.59 -18.07
CA ALA B 90 6.87 -17.48 -18.14
C ALA B 90 6.41 -17.90 -19.55
N GLN B 91 7.12 -17.37 -20.56
CA GLN B 91 6.91 -17.62 -21.98
C GLN B 91 7.28 -19.04 -22.41
N THR B 92 8.25 -19.67 -21.74
CA THR B 92 8.66 -21.05 -22.04
C THR B 92 7.58 -22.04 -21.54
N PHE B 93 7.09 -21.86 -20.31
CA PHE B 93 6.09 -22.74 -19.69
C PHE B 93 4.66 -22.54 -20.17
N ASN B 94 4.24 -21.29 -20.32
CA ASN B 94 2.87 -20.97 -20.68
C ASN B 94 2.61 -20.87 -22.18
N LEU B 95 1.35 -21.15 -22.55
CA LEU B 95 0.87 -21.13 -23.92
C LEU B 95 0.88 -19.71 -24.49
N GLU B 96 1.34 -19.55 -25.74
CA GLU B 96 1.34 -18.25 -26.41
C GLU B 96 -0.13 -17.80 -26.51
N GLY B 97 -0.41 -16.56 -26.11
CA GLY B 97 -1.77 -16.05 -26.14
C GLY B 97 -2.47 -16.12 -24.80
N SER B 98 -1.90 -16.88 -23.84
CA SER B 98 -2.44 -16.99 -22.48
C SER B 98 -2.14 -15.70 -21.69
N GLN B 99 -2.96 -15.42 -20.66
CA GLN B 99 -2.81 -14.27 -19.79
C GLN B 99 -1.38 -14.15 -19.20
N ILE B 100 -0.81 -15.22 -18.61
CA ILE B 100 0.55 -15.19 -18.04
C ILE B 100 1.60 -14.82 -19.13
N TYR B 101 1.54 -15.50 -20.28
CA TYR B 101 2.44 -15.27 -21.42
C TYR B 101 2.38 -13.83 -21.91
N GLU B 102 1.15 -13.32 -22.16
CA GLU B 102 0.97 -11.96 -22.66
C GLU B 102 1.44 -10.89 -21.66
N ASP B 103 1.24 -11.16 -20.34
CA ASP B 103 1.66 -10.29 -19.23
C ASP B 103 3.18 -10.12 -19.13
N SER B 104 3.93 -11.22 -19.29
CA SER B 104 5.39 -11.23 -19.25
C SER B 104 6.01 -10.38 -20.39
N ILE B 105 5.35 -10.35 -21.56
CA ILE B 105 5.79 -9.54 -22.70
C ILE B 105 5.62 -8.04 -22.37
N VAL B 106 4.51 -7.70 -21.70
CA VAL B 106 4.23 -6.32 -21.30
C VAL B 106 5.21 -5.87 -20.22
N LEU B 107 5.51 -6.75 -19.23
CA LEU B 107 6.43 -6.44 -18.15
C LEU B 107 7.86 -6.24 -18.62
N GLN B 108 8.28 -6.90 -19.73
CA GLN B 108 9.59 -6.74 -20.38
C GLN B 108 9.72 -5.30 -20.88
N SER B 109 8.62 -4.79 -21.49
CA SER B 109 8.57 -3.44 -22.03
C SER B 109 8.59 -2.41 -20.92
N VAL B 110 7.81 -2.67 -19.85
CA VAL B 110 7.70 -1.79 -18.68
C VAL B 110 9.08 -1.61 -18.02
N PHE B 111 9.85 -2.71 -17.88
CA PHE B 111 11.20 -2.68 -17.35
C PHE B 111 12.12 -1.78 -18.18
N LYS B 112 12.14 -2.00 -19.50
CA LYS B 112 12.97 -1.28 -20.46
C LYS B 112 12.66 0.22 -20.42
N SER B 113 11.34 0.55 -20.32
CA SER B 113 10.84 1.92 -20.22
C SER B 113 11.29 2.56 -18.89
N ALA B 114 11.27 1.78 -17.78
CA ALA B 114 11.68 2.24 -16.46
C ALA B 114 13.19 2.49 -16.40
N ARG B 115 13.99 1.56 -16.98
CA ARG B 115 15.45 1.66 -17.03
C ARG B 115 15.91 2.89 -17.84
N GLN B 116 15.22 3.21 -18.95
CA GLN B 116 15.52 4.34 -19.83
C GLN B 116 15.22 5.70 -19.16
N LYS B 117 14.30 5.72 -18.16
CA LYS B 117 13.88 6.95 -17.50
C LYS B 117 14.48 7.18 -16.11
N ILE B 118 14.68 6.10 -15.32
CA ILE B 118 15.23 6.17 -13.96
C ILE B 118 16.77 6.34 -13.99
N ALA B 119 17.47 5.47 -14.75
CA ALA B 119 18.93 5.47 -14.87
C ALA B 119 19.50 6.69 -15.60
N LYS B 120 18.99 6.96 -16.83
CA LYS B 120 19.42 8.07 -17.69
C LYS B 120 20.94 7.97 -17.97
N GLU B 121 21.33 6.97 -18.79
CA GLU B 121 22.72 6.68 -19.15
C GLU B 121 23.15 7.46 -20.40
N LEU C 6 -6.95 -23.89 23.11
CA LEU C 6 -6.31 -23.91 24.43
C LEU C 6 -5.51 -22.62 24.65
N SER C 7 -4.28 -22.55 24.07
CA SER C 7 -3.34 -21.43 24.14
C SER C 7 -3.86 -20.18 23.40
N PRO C 8 -3.41 -18.95 23.75
CA PRO C 8 -3.91 -17.77 23.03
C PRO C 8 -3.39 -17.71 21.58
N ASN C 9 -3.95 -16.79 20.77
CA ASN C 9 -3.52 -16.60 19.38
C ASN C 9 -2.05 -16.13 19.36
N PRO C 10 -1.17 -16.80 18.58
CA PRO C 10 0.23 -16.35 18.53
C PRO C 10 0.30 -14.91 18.01
N PRO C 11 1.13 -14.03 18.64
CA PRO C 11 1.21 -12.62 18.17
C PRO C 11 1.43 -12.48 16.66
N LYS C 12 2.16 -13.45 16.05
CA LYS C 12 2.43 -13.52 14.61
C LYS C 12 1.12 -13.61 13.80
N LEU C 13 0.15 -14.44 14.25
CA LEU C 13 -1.18 -14.62 13.62
C LEU C 13 -2.03 -13.33 13.66
N THR C 14 -2.07 -12.68 14.82
CA THR C 14 -2.81 -11.44 15.07
C THR C 14 -2.24 -10.33 14.16
N LYS C 15 -0.89 -10.24 14.04
CA LYS C 15 -0.18 -9.26 13.22
C LYS C 15 -0.55 -9.43 11.77
N GLN C 16 -0.70 -10.70 11.31
CA GLN C 16 -1.09 -11.10 9.96
C GLN C 16 -2.53 -10.70 9.67
N MET C 17 -3.48 -11.07 10.57
CA MET C 17 -4.90 -10.74 10.46
C MET C 17 -5.10 -9.24 10.30
N ASN C 18 -4.40 -8.45 11.12
CA ASN C 18 -4.45 -7.00 11.07
C ASN C 18 -3.81 -6.46 9.81
N ALA C 19 -2.69 -7.06 9.36
CA ALA C 19 -1.97 -6.65 8.16
C ALA C 19 -2.82 -6.89 6.94
N ILE C 20 -3.55 -8.04 6.90
CA ILE C 20 -4.43 -8.44 5.79
C ILE C 20 -5.62 -7.49 5.71
N ILE C 21 -6.32 -7.26 6.82
CA ILE C 21 -7.49 -6.40 6.89
C ILE C 21 -7.15 -4.93 6.63
N ASP C 22 -5.95 -4.47 7.03
CA ASP C 22 -5.51 -3.10 6.77
C ASP C 22 -5.27 -2.85 5.27
N THR C 23 -4.77 -3.89 4.55
CA THR C 23 -4.51 -3.87 3.10
C THR C 23 -5.85 -3.63 2.39
N VAL C 24 -6.89 -4.37 2.81
CA VAL C 24 -8.26 -4.34 2.32
C VAL C 24 -8.88 -2.96 2.59
N ILE C 25 -8.82 -2.49 3.85
CA ILE C 25 -9.37 -1.19 4.26
C ILE C 25 -8.66 -0.01 3.59
N ASN C 26 -7.33 -0.06 3.44
CA ASN C 26 -6.60 1.06 2.85
C ASN C 26 -6.58 1.04 1.31
N TYR C 27 -7.02 -0.07 0.67
CA TYR C 27 -7.07 -0.20 -0.78
C TYR C 27 -7.86 0.94 -1.42
N LYS C 28 -7.21 1.63 -2.39
CA LYS C 28 -7.75 2.72 -3.20
C LYS C 28 -7.62 2.36 -4.68
N ASP C 29 -8.67 2.63 -5.47
CA ASP C 29 -8.67 2.31 -6.91
C ASP C 29 -7.82 3.29 -7.75
N SER C 30 -8.06 3.30 -9.08
CA SER C 30 -7.43 4.18 -10.06
C SER C 30 -7.73 5.66 -9.76
N SER C 31 -8.99 5.95 -9.32
CA SER C 31 -9.49 7.30 -8.96
C SER C 31 -8.83 7.81 -7.66
N GLY C 32 -8.32 6.88 -6.84
CA GLY C 32 -7.71 7.15 -5.55
C GLY C 32 -8.75 7.17 -4.46
N ARG C 33 -9.87 6.43 -4.69
CA ARG C 33 -11.02 6.32 -3.79
C ARG C 33 -10.94 5.03 -2.97
N GLN C 34 -11.01 5.16 -1.62
CA GLN C 34 -10.98 4.06 -0.64
C GLN C 34 -12.31 3.28 -0.73
N LEU C 35 -12.28 2.10 -1.36
CA LEU C 35 -13.44 1.27 -1.64
C LEU C 35 -14.20 0.80 -0.38
N SER C 36 -13.45 0.44 0.68
CA SER C 36 -13.95 -0.07 1.96
C SER C 36 -14.87 0.87 2.74
N GLU C 37 -14.80 2.20 2.45
CA GLU C 37 -15.54 3.31 3.09
C GLU C 37 -16.99 2.94 3.56
N VAL C 38 -17.84 2.44 2.66
CA VAL C 38 -19.25 2.08 2.90
C VAL C 38 -19.41 0.91 3.87
N PHE C 39 -18.49 -0.07 3.76
CA PHE C 39 -18.49 -1.34 4.46
C PHE C 39 -18.01 -1.29 5.90
N ILE C 40 -17.24 -0.24 6.30
CA ILE C 40 -16.71 -0.07 7.67
C ILE C 40 -17.82 -0.17 8.71
N GLN C 41 -18.98 0.44 8.44
CA GLN C 41 -20.15 0.39 9.30
C GLN C 41 -21.42 -0.02 8.54
N LEU C 42 -22.23 -0.91 9.15
CA LEU C 42 -23.49 -1.41 8.62
C LEU C 42 -24.53 -0.26 8.57
N PRO C 43 -25.61 -0.34 7.75
CA PRO C 43 -26.66 0.70 7.81
C PRO C 43 -27.47 0.60 9.12
N SER C 44 -28.16 1.68 9.55
CA SER C 44 -28.94 1.55 10.78
C SER C 44 -30.23 0.75 10.54
N ARG C 45 -30.58 -0.12 11.52
CA ARG C 45 -31.78 -0.95 11.51
C ARG C 45 -33.03 -0.08 11.40
N LYS C 46 -32.96 1.12 12.00
CA LYS C 46 -34.04 2.10 11.99
C LYS C 46 -34.13 2.83 10.63
N GLU C 47 -33.00 2.92 9.88
CA GLU C 47 -32.90 3.55 8.56
C GLU C 47 -33.32 2.59 7.41
N LEU C 48 -32.86 1.32 7.46
CA LEU C 48 -33.07 0.29 6.43
C LEU C 48 -33.66 -1.04 6.99
N PRO C 49 -35.00 -1.19 7.12
CA PRO C 49 -35.56 -2.44 7.65
C PRO C 49 -35.38 -3.62 6.70
N GLU C 50 -35.53 -3.37 5.38
CA GLU C 50 -35.39 -4.37 4.30
C GLU C 50 -34.01 -4.99 4.27
N TYR C 51 -32.91 -4.20 4.44
CA TYR C 51 -31.55 -4.74 4.53
C TYR C 51 -31.50 -5.86 5.57
N TYR C 52 -32.09 -5.64 6.76
CA TYR C 52 -32.02 -6.56 7.89
C TYR C 52 -32.93 -7.79 7.80
N GLU C 53 -34.03 -7.74 7.02
CA GLU C 53 -34.85 -8.95 6.85
C GLU C 53 -34.46 -9.68 5.55
N LEU C 54 -33.49 -9.13 4.80
CA LEU C 54 -32.94 -9.72 3.58
C LEU C 54 -31.62 -10.45 3.95
N ILE C 55 -30.79 -9.82 4.84
CA ILE C 55 -29.50 -10.34 5.35
C ILE C 55 -29.71 -11.05 6.72
N ARG C 56 -29.43 -12.37 6.75
CA ARG C 56 -29.54 -13.22 7.95
C ARG C 56 -28.44 -12.91 8.98
N LYS C 57 -27.16 -12.86 8.53
CA LYS C 57 -26.00 -12.59 9.38
C LYS C 57 -25.26 -11.29 9.00
N PRO C 58 -25.71 -10.09 9.45
CA PRO C 58 -24.99 -8.85 9.10
C PRO C 58 -23.63 -8.74 9.78
N VAL C 59 -22.66 -8.17 9.05
CA VAL C 59 -21.27 -7.99 9.49
C VAL C 59 -20.67 -6.78 8.75
N ASP C 60 -19.83 -5.99 9.45
CA ASP C 60 -19.11 -4.84 8.86
C ASP C 60 -17.60 -4.95 9.19
N PHE C 61 -16.76 -4.05 8.63
CA PHE C 61 -15.32 -4.08 8.90
C PHE C 61 -14.98 -3.71 10.33
N LYS C 62 -15.87 -2.96 11.01
CA LYS C 62 -15.75 -2.57 12.40
C LYS C 62 -15.80 -3.83 13.28
N LYS C 63 -16.79 -4.71 13.05
CA LYS C 63 -17.01 -5.97 13.78
C LYS C 63 -15.86 -6.96 13.56
N ILE C 64 -15.33 -7.00 12.32
CA ILE C 64 -14.21 -7.87 11.94
C ILE C 64 -12.97 -7.48 12.75
N LYS C 65 -12.66 -6.16 12.80
CA LYS C 65 -11.55 -5.59 13.57
C LYS C 65 -11.66 -5.90 15.06
N GLU C 66 -12.89 -5.83 15.60
CA GLU C 66 -13.24 -6.16 16.98
C GLU C 66 -13.02 -7.65 17.27
N ARG C 67 -13.35 -8.54 16.29
CA ARG C 67 -13.19 -9.99 16.43
C ARG C 67 -11.72 -10.39 16.32
N ILE C 68 -10.90 -9.63 15.56
CA ILE C 68 -9.44 -9.87 15.50
C ILE C 68 -8.87 -9.47 16.88
N ARG C 69 -9.29 -8.27 17.37
CA ARG C 69 -8.88 -7.67 18.65
C ARG C 69 -9.22 -8.54 19.86
N ASN C 70 -10.40 -9.20 19.85
CA ASN C 70 -10.87 -10.04 20.94
C ASN C 70 -10.55 -11.52 20.72
N HIS C 71 -9.64 -11.80 19.76
CA HIS C 71 -9.08 -13.11 19.41
C HIS C 71 -10.16 -14.17 19.13
N LYS C 72 -11.21 -13.77 18.38
CA LYS C 72 -12.36 -14.58 17.99
C LYS C 72 -12.08 -15.49 16.81
N TYR C 73 -11.12 -15.09 15.95
CA TYR C 73 -10.72 -15.88 14.80
C TYR C 73 -9.53 -16.74 15.22
N ARG C 74 -9.68 -18.08 15.12
CA ARG C 74 -8.64 -19.04 15.50
C ARG C 74 -7.65 -19.37 14.38
N SER C 75 -8.01 -19.03 13.13
CA SER C 75 -7.19 -19.24 11.93
C SER C 75 -7.51 -18.16 10.91
N LEU C 76 -6.64 -17.97 9.88
CA LEU C 76 -6.90 -16.99 8.79
C LEU C 76 -8.16 -17.38 7.99
N GLY C 77 -8.44 -18.68 7.91
CA GLY C 77 -9.62 -19.24 7.27
C GLY C 77 -10.91 -18.75 7.90
N ASP C 78 -10.90 -18.54 9.24
CA ASP C 78 -12.01 -18.01 10.07
C ASP C 78 -12.27 -16.55 9.74
N LEU C 79 -11.18 -15.77 9.57
CA LEU C 79 -11.20 -14.35 9.20
C LEU C 79 -11.78 -14.24 7.78
N GLU C 80 -11.31 -15.12 6.84
CA GLU C 80 -11.75 -15.21 5.45
C GLU C 80 -13.24 -15.47 5.34
N LYS C 81 -13.79 -16.43 6.12
CA LYS C 81 -15.22 -16.75 6.15
C LYS C 81 -16.07 -15.49 6.44
N ASP C 82 -15.61 -14.63 7.39
CA ASP C 82 -16.31 -13.39 7.75
C ASP C 82 -16.15 -12.30 6.71
N VAL C 83 -14.97 -12.20 6.08
CA VAL C 83 -14.76 -11.23 4.99
C VAL C 83 -15.64 -11.63 3.80
N MET C 84 -15.68 -12.95 3.47
CA MET C 84 -16.52 -13.48 2.38
C MET C 84 -17.97 -13.27 2.67
N LEU C 85 -18.37 -13.32 3.96
CA LEU C 85 -19.76 -13.09 4.39
C LEU C 85 -20.13 -11.61 4.15
N LEU C 86 -19.29 -10.68 4.57
CA LEU C 86 -19.47 -9.24 4.34
C LEU C 86 -19.75 -8.96 2.85
N CYS C 87 -18.91 -9.47 1.94
CA CYS C 87 -19.00 -9.27 0.49
C CYS C 87 -20.24 -9.89 -0.11
N HIS C 88 -20.60 -11.11 0.36
CA HIS C 88 -21.79 -11.84 -0.06
C HIS C 88 -23.02 -10.99 0.24
N ASN C 89 -23.10 -10.44 1.47
CA ASN C 89 -24.18 -9.61 1.96
C ASN C 89 -24.36 -8.35 1.07
N ALA C 90 -23.24 -7.67 0.74
CA ALA C 90 -23.24 -6.48 -0.13
C ALA C 90 -23.83 -6.84 -1.52
N GLN C 91 -23.37 -7.98 -2.07
CA GLN C 91 -23.79 -8.56 -3.34
C GLN C 91 -25.22 -9.12 -3.32
N THR C 92 -25.72 -9.55 -2.16
CA THR C 92 -27.09 -10.05 -2.02
C THR C 92 -28.09 -8.88 -2.07
N PHE C 93 -27.83 -7.80 -1.30
CA PHE C 93 -28.70 -6.64 -1.21
C PHE C 93 -28.63 -5.68 -2.40
N ASN C 94 -27.41 -5.41 -2.89
CA ASN C 94 -27.22 -4.43 -3.95
C ASN C 94 -27.29 -5.02 -5.36
N LEU C 95 -27.72 -4.18 -6.31
CA LEU C 95 -27.87 -4.54 -7.72
C LEU C 95 -26.53 -4.81 -8.37
N GLU C 96 -26.46 -5.87 -9.19
CA GLU C 96 -25.24 -6.21 -9.92
C GLU C 96 -24.92 -5.03 -10.86
N GLY C 97 -23.68 -4.58 -10.83
CA GLY C 97 -23.27 -3.43 -11.64
C GLY C 97 -23.23 -2.13 -10.87
N SER C 98 -23.85 -2.10 -9.66
CA SER C 98 -23.85 -0.91 -8.79
C SER C 98 -22.49 -0.74 -8.13
N GLN C 99 -22.18 0.50 -7.71
CA GLN C 99 -20.93 0.85 -7.03
C GLN C 99 -20.63 -0.05 -5.82
N ILE C 100 -21.58 -0.22 -4.88
CA ILE C 100 -21.37 -1.07 -3.68
C ILE C 100 -21.06 -2.54 -4.08
N TYR C 101 -21.87 -3.10 -5.01
CA TYR C 101 -21.72 -4.46 -5.53
C TYR C 101 -20.34 -4.67 -6.16
N GLU C 102 -19.94 -3.76 -7.09
CA GLU C 102 -18.67 -3.87 -7.78
C GLU C 102 -17.48 -3.72 -6.83
N ASP C 103 -17.60 -2.86 -5.78
CA ASP C 103 -16.57 -2.63 -4.76
C ASP C 103 -16.30 -3.87 -3.90
N SER C 104 -17.35 -4.60 -3.49
CA SER C 104 -17.25 -5.82 -2.69
C SER C 104 -16.51 -6.94 -3.44
N ILE C 105 -16.67 -7.01 -4.77
CA ILE C 105 -15.98 -7.98 -5.64
C ILE C 105 -14.47 -7.65 -5.67
N VAL C 106 -14.13 -6.36 -5.72
CA VAL C 106 -12.72 -5.92 -5.74
C VAL C 106 -12.08 -6.23 -4.39
N LEU C 107 -12.78 -5.93 -3.28
CA LEU C 107 -12.30 -6.17 -1.93
C LEU C 107 -12.10 -7.64 -1.61
N GLN C 108 -12.92 -8.51 -2.22
CA GLN C 108 -12.85 -9.95 -2.12
C GLN C 108 -11.51 -10.43 -2.70
N SER C 109 -11.10 -9.85 -3.84
CA SER C 109 -9.85 -10.17 -4.53
C SER C 109 -8.65 -9.63 -3.77
N VAL C 110 -8.76 -8.38 -3.25
CA VAL C 110 -7.74 -7.70 -2.48
C VAL C 110 -7.38 -8.53 -1.22
N PHE C 111 -8.41 -9.08 -0.53
CA PHE C 111 -8.23 -9.95 0.63
C PHE C 111 -7.43 -11.20 0.27
N LYS C 112 -7.86 -11.91 -0.78
CA LYS C 112 -7.24 -13.15 -1.27
C LYS C 112 -5.77 -12.91 -1.67
N SER C 113 -5.50 -11.76 -2.32
CA SER C 113 -4.16 -11.35 -2.73
C SER C 113 -3.30 -11.03 -1.50
N ALA C 114 -3.90 -10.38 -0.46
CA ALA C 114 -3.21 -10.02 0.79
C ALA C 114 -2.88 -11.28 1.60
N ARG C 115 -3.83 -12.26 1.68
CA ARG C 115 -3.68 -13.53 2.40
C ARG C 115 -2.56 -14.38 1.77
N GLN C 116 -2.45 -14.42 0.42
CA GLN C 116 -1.40 -15.16 -0.28
C GLN C 116 -0.04 -14.51 -0.08
N LYS C 117 0.01 -13.16 -0.13
CA LYS C 117 1.22 -12.34 0.08
C LYS C 117 1.80 -12.57 1.48
N ILE C 118 0.92 -12.56 2.52
CA ILE C 118 1.28 -12.76 3.92
C ILE C 118 1.69 -14.22 4.23
N ALA C 119 0.96 -15.22 3.68
CA ALA C 119 1.28 -16.66 3.87
C ALA C 119 2.36 -17.13 2.89
C1 A1I5P D . 10.63 18.70 -2.01
C2 A1I5P D . 10.89 18.72 -0.56
C3 A1I5P D . 9.89 18.99 0.47
C7 A1I5P D . 9.90 19.14 2.91
C8 A1I5P D . 10.56 18.93 1.71
C9 A1I5P D . 12.10 18.50 0.11
O1 A1I5P D . 9.56 18.91 -2.51
O A1I5P D . 11.74 18.41 -2.71
C A1I5P D . 11.75 18.84 -4.10
N1 A1I5P D . 13.29 18.22 -0.40
N A1I5P D . 11.90 18.63 1.49
C6 A1I5P D . 8.53 19.42 2.87
C5 A1I5P D . 7.85 19.48 1.65
C4 A1I5P D . 8.53 19.27 0.45
ZN ZN E . -1.97 26.73 -2.03
C1 A1I5P F . 3.97 -19.42 -13.94
C2 A1I5P F . 4.63 -18.59 -12.91
C3 A1I5P F . 5.86 -17.84 -13.10
C7 A1I5P F . 7.26 -16.38 -11.72
C8 A1I5P F . 6.14 -17.19 -11.88
C9 A1I5P F . 4.21 -18.34 -11.60
O1 A1I5P F . 4.24 -19.39 -15.12
O A1I5P F . 3.04 -20.22 -13.41
C A1I5P F . 2.29 -21.06 -14.33
N1 A1I5P F . 3.14 -18.79 -10.97
N A1I5P F . 5.12 -17.50 -10.98
C6 A1I5P F . 8.12 -16.22 -12.79
C5 A1I5P F . 7.87 -16.87 -14.00
C4 A1I5P F . 6.76 -17.68 -14.16
ZN ZN G . 15.26 -20.99 -22.90
C1 A1I5P H . -24.92 -1.91 2.21
C2 A1I5P H . -23.87 -1.95 3.26
C3 A1I5P H . -23.06 -3.10 3.65
C7 A1I5P H . -21.30 -3.54 5.29
C8 A1I5P H . -22.21 -2.68 4.68
C9 A1I5P H . -23.47 -0.90 4.09
O1 A1I5P H . -25.50 -2.89 1.78
O A1I5P H . -25.15 -0.67 1.77
C A1I5P H . -26.25 -0.51 0.86
N1 A1I5P H . -23.94 0.34 4.11
N A1I5P H . -22.47 -1.34 4.95
C6 A1I5P H . -21.24 -4.85 4.83
C5 A1I5P H . -22.07 -5.29 3.81
C4 A1I5P H . -22.97 -4.43 3.21
ZN ZN I . -26.48 -16.50 0.93
#